data_4YL3
#
_entry.id   4YL3
#
_cell.length_a   76.434
_cell.length_b   76.434
_cell.length_c   123.264
_cell.angle_alpha   90.00
_cell.angle_beta   90.00
_cell.angle_gamma   120.00
#
_symmetry.space_group_name_H-M   'H 3'
#
loop_
_entity.id
_entity.type
_entity.pdbx_description
1 polymer 'Prostaglandin E synthase'
2 non-polymer 5-[4-bromo-2-(2-chloro-6-fluorophenyl)-1H-imidazol-5-yl]-2-{[4-(trifluoromethyl)phenyl]ethynyl}pyridine
3 non-polymer GLUTATHIONE
4 non-polymer 'octyl beta-D-glucopyranoside'
5 non-polymer 'TETRAETHYLENE GLYCOL'
6 water water
#
_entity_poly.entity_id   1
_entity_poly.type   'polypeptide(L)'
_entity_poly.pdbx_seq_one_letter_code
;SLVMSSPALPAFLLCSTLLVIKMYVVAIITGQVRLRKKAFANPEDALRHGGPQYCRSDPDVERCLRAHRNDMETIYPFLF
LGFVYSFLGPNPFVAWMHFLVFLVGRVAHTVAYLGKLRAPIRSVTYTLAQLPCASMALQILWEAARHL
;
_entity_poly.pdbx_strand_id   A
#
loop_
_chem_comp.id
_chem_comp.type
_chem_comp.name
_chem_comp.formula
4U9 non-polymer 5-[4-bromo-2-(2-chloro-6-fluorophenyl)-1H-imidazol-5-yl]-2-{[4-(trifluoromethyl)phenyl]ethynyl}pyridine 'C23 H11 Br Cl F4 N3'
BOG D-saccharide 'octyl beta-D-glucopyranoside' 'C14 H28 O6'
GSH non-polymer GLUTATHIONE 'C10 H17 N3 O6 S'
PG4 non-polymer 'TETRAETHYLENE GLYCOL' 'C8 H18 O5'
#
# COMPACT_ATOMS: atom_id res chain seq x y z
N VAL A 3 19.41 4.07 -12.26
CA VAL A 3 18.84 2.91 -11.53
C VAL A 3 19.91 1.93 -11.05
N MET A 4 21.13 2.04 -11.58
CA MET A 4 22.23 1.13 -11.21
C MET A 4 23.14 1.65 -10.08
N SER A 5 22.68 2.71 -9.40
CA SER A 5 23.45 3.36 -8.33
C SER A 5 23.69 2.46 -7.10
N SER A 6 22.99 1.34 -7.05
CA SER A 6 23.13 0.32 -6.01
C SER A 6 22.40 -0.95 -6.47
N PRO A 7 22.97 -2.15 -6.19
CA PRO A 7 22.41 -3.39 -6.76
C PRO A 7 20.95 -3.70 -6.41
N ALA A 8 20.48 -3.21 -5.26
CA ALA A 8 19.12 -3.46 -4.79
C ALA A 8 18.08 -2.49 -5.37
N LEU A 9 18.56 -1.37 -5.92
CA LEU A 9 17.66 -0.30 -6.36
C LEU A 9 16.65 -0.70 -7.45
N PRO A 10 17.07 -1.44 -8.50
CA PRO A 10 16.08 -1.82 -9.51
C PRO A 10 14.91 -2.63 -8.94
N ALA A 11 15.20 -3.59 -8.07
CA ALA A 11 14.16 -4.40 -7.44
C ALA A 11 13.24 -3.51 -6.60
N PHE A 12 13.82 -2.58 -5.85
CA PHE A 12 13.04 -1.64 -5.07
C PHE A 12 12.10 -0.82 -5.97
N LEU A 13 12.64 -0.28 -7.06
CA LEU A 13 11.85 0.58 -7.93
C LEU A 13 10.74 -0.20 -8.63
N LEU A 14 10.99 -1.46 -8.95
CA LEU A 14 9.97 -2.33 -9.54
C LEU A 14 8.82 -2.54 -8.57
N CYS A 15 9.14 -2.96 -7.34
CA CYS A 15 8.12 -3.26 -6.35
C CYS A 15 7.34 -2.01 -5.94
N SER A 16 8.05 -0.92 -5.70
CA SER A 16 7.42 0.34 -5.31
C SER A 16 6.45 0.84 -6.37
N THR A 17 6.88 0.83 -7.62
CA THR A 17 6.06 1.36 -8.70
C THR A 17 4.83 0.48 -8.92
N LEU A 18 5.00 -0.84 -8.81
CA LEU A 18 3.85 -1.73 -8.88
C LEU A 18 2.82 -1.42 -7.79
N LEU A 19 3.31 -1.12 -6.59
CA LEU A 19 2.43 -0.79 -5.48
C LEU A 19 1.73 0.56 -5.65
N VAL A 20 2.43 1.54 -6.22
CA VAL A 20 1.80 2.81 -6.56
C VAL A 20 0.68 2.57 -7.58
N ILE A 21 0.98 1.80 -8.62
CA ILE A 21 -0.04 1.43 -9.62
C ILE A 21 -1.23 0.71 -8.96
N LYS A 22 -0.94 -0.19 -8.02
CA LYS A 22 -1.97 -0.91 -7.26
C LYS A 22 -2.87 0.06 -6.49
N MET A 23 -2.28 1.12 -5.94
CA MET A 23 -3.06 2.16 -5.27
C MET A 23 -3.95 2.91 -6.25
N TYR A 24 -3.43 3.21 -7.44
CA TYR A 24 -4.22 3.83 -8.49
C TYR A 24 -5.42 2.94 -8.86
N VAL A 25 -5.19 1.62 -8.91
CA VAL A 25 -6.25 0.66 -9.19
C VAL A 25 -7.35 0.75 -8.12
N VAL A 26 -6.96 0.82 -6.85
CA VAL A 26 -7.93 1.01 -5.76
C VAL A 26 -8.74 2.29 -5.93
N ALA A 27 -8.08 3.38 -6.33
CA ALA A 27 -8.78 4.64 -6.59
C ALA A 27 -9.82 4.50 -7.70
N ILE A 28 -9.43 3.81 -8.78
CA ILE A 28 -10.34 3.57 -9.91
C ILE A 28 -11.55 2.74 -9.46
N ILE A 29 -11.27 1.65 -8.74
CA ILE A 29 -12.33 0.79 -8.19
C ILE A 29 -13.28 1.62 -7.32
N THR A 30 -12.74 2.48 -6.47
CA THR A 30 -13.57 3.33 -5.59
C THR A 30 -14.57 4.15 -6.41
N GLY A 31 -14.09 4.79 -7.48
CA GLY A 31 -14.95 5.59 -8.35
C GLY A 31 -16.02 4.76 -9.01
N GLN A 32 -15.65 3.57 -9.48
CA GLN A 32 -16.59 2.64 -10.10
C GLN A 32 -17.67 2.20 -9.12
N VAL A 33 -17.30 1.94 -7.88
CA VAL A 33 -18.25 1.54 -6.84
C VAL A 33 -19.21 2.70 -6.53
N ARG A 34 -18.69 3.93 -6.43
CA ARG A 34 -19.54 5.10 -6.22
C ARG A 34 -20.59 5.24 -7.32
N LEU A 35 -20.16 5.05 -8.57
CA LEU A 35 -21.07 5.15 -9.71
C LEU A 35 -22.10 4.02 -9.73
N ARG A 36 -21.65 2.79 -9.48
CA ARG A 36 -22.53 1.61 -9.50
C ARG A 36 -23.56 1.63 -8.37
N LYS A 37 -23.11 1.96 -7.17
CA LYS A 37 -23.97 1.99 -5.99
C LYS A 37 -24.69 3.33 -5.83
N LYS A 38 -24.36 4.30 -6.70
CA LYS A 38 -24.88 5.68 -6.62
C LYS A 38 -24.73 6.24 -5.21
N ALA A 39 -23.48 6.32 -4.76
CA ALA A 39 -23.14 6.82 -3.44
C ALA A 39 -21.98 7.82 -3.55
N PHE A 40 -22.33 9.09 -3.46
CA PHE A 40 -21.38 10.18 -3.70
C PHE A 40 -21.15 10.98 -2.42
N ALA A 41 -19.94 11.52 -2.30
CA ALA A 41 -19.57 12.29 -1.11
C ALA A 41 -19.91 13.77 -1.22
N ASN A 42 -20.18 14.23 -2.45
CA ASN A 42 -20.41 15.65 -2.72
C ASN A 42 -21.74 15.86 -3.38
N PRO A 43 -22.50 16.88 -2.92
CA PRO A 43 -23.80 17.14 -3.53
C PRO A 43 -23.71 17.42 -5.04
N GLU A 44 -22.65 18.12 -5.47
CA GLU A 44 -22.49 18.41 -6.90
C GLU A 44 -22.34 17.14 -7.73
N ASP A 45 -21.68 16.12 -7.17
CA ASP A 45 -21.53 14.82 -7.84
C ASP A 45 -22.87 14.12 -7.92
N ALA A 46 -23.60 14.11 -6.81
CA ALA A 46 -24.91 13.45 -6.72
C ALA A 46 -25.89 14.04 -7.72
N LEU A 47 -25.93 15.37 -7.84
CA LEU A 47 -26.84 16.04 -8.77
C LEU A 47 -26.52 15.74 -10.23
N ARG A 48 -25.25 15.49 -10.53
CA ARG A 48 -24.82 15.10 -11.86
C ARG A 48 -25.23 13.66 -12.18
N HIS A 49 -25.35 12.84 -11.15
CA HIS A 49 -25.54 11.41 -11.33
C HIS A 49 -26.85 10.87 -10.75
N GLY A 50 -27.91 11.68 -10.78
CA GLY A 50 -29.25 11.16 -10.51
C GLY A 50 -30.10 11.90 -9.49
N GLY A 51 -29.49 12.77 -8.69
CA GLY A 51 -30.24 13.54 -7.71
C GLY A 51 -29.62 13.58 -6.33
N PRO A 52 -30.12 14.49 -5.45
CA PRO A 52 -29.50 14.78 -4.15
C PRO A 52 -29.56 13.61 -3.16
N GLN A 53 -30.48 12.68 -3.38
CA GLN A 53 -30.63 11.51 -2.52
C GLN A 53 -29.46 10.53 -2.68
N TYR A 54 -28.65 10.74 -3.71
CA TYR A 54 -27.46 9.92 -3.94
C TYR A 54 -26.19 10.49 -3.29
N CYS A 55 -26.32 11.61 -2.58
CA CYS A 55 -25.26 12.07 -1.70
C CYS A 55 -25.46 11.34 -0.38
N ARG A 56 -24.76 10.23 -0.25
CA ARG A 56 -24.96 9.29 0.84
C ARG A 56 -23.75 8.38 0.98
N SER A 57 -23.60 7.79 2.16
CA SER A 57 -22.55 6.81 2.39
C SER A 57 -23.00 5.44 1.91
N ASP A 58 -22.03 4.57 1.64
CA ASP A 58 -22.29 3.19 1.23
C ASP A 58 -21.19 2.32 1.83
N PRO A 59 -21.56 1.14 2.38
CA PRO A 59 -20.54 0.31 3.04
C PRO A 59 -19.40 -0.16 2.12
N ASP A 60 -19.70 -0.46 0.86
CA ASP A 60 -18.66 -0.86 -0.09
C ASP A 60 -17.72 0.29 -0.43
N VAL A 61 -18.27 1.50 -0.59
CA VAL A 61 -17.44 2.68 -0.80
C VAL A 61 -16.53 2.91 0.40
N GLU A 62 -17.10 2.85 1.61
CA GLU A 62 -16.33 3.05 2.84
CA GLU A 62 -16.32 3.07 2.83
C GLU A 62 -15.21 2.03 2.95
N ARG A 63 -15.50 0.79 2.55
CA ARG A 63 -14.50 -0.28 2.54
C ARG A 63 -13.33 0.06 1.59
N CYS A 64 -13.66 0.53 0.39
CA CYS A 64 -12.64 0.96 -0.58
C CYS A 64 -11.77 2.05 0.01
N LEU A 65 -12.40 3.02 0.67
CA LEU A 65 -11.68 4.12 1.30
C LEU A 65 -10.75 3.62 2.41
N ARG A 66 -11.21 2.65 3.19
CA ARG A 66 -10.35 2.05 4.23
C ARG A 66 -9.13 1.35 3.63
N ALA A 67 -9.33 0.61 2.54
CA ALA A 67 -8.22 -0.08 1.89
C ALA A 67 -7.20 0.92 1.40
N HIS A 68 -7.67 1.99 0.75
CA HIS A 68 -6.81 3.03 0.21
C HIS A 68 -6.06 3.74 1.35
N ARG A 69 -6.76 4.01 2.45
CA ARG A 69 -6.11 4.65 3.59
CA ARG A 69 -6.14 4.66 3.61
C ARG A 69 -5.04 3.76 4.20
N ASN A 70 -5.34 2.47 4.35
CA ASN A 70 -4.34 1.56 4.90
C ASN A 70 -3.11 1.49 3.99
N ASP A 71 -3.33 1.50 2.68
CA ASP A 71 -2.23 1.62 1.71
C ASP A 71 -1.37 2.87 1.99
N MET A 72 -2.01 4.02 2.18
CA MET A 72 -1.25 5.24 2.46
C MET A 72 -0.45 5.16 3.77
N GLU A 73 -1.00 4.45 4.76
CA GLU A 73 -0.34 4.28 6.05
C GLU A 73 0.89 3.36 5.99
N THR A 74 0.97 2.53 4.96
CA THR A 74 1.99 1.47 4.88
C THR A 74 2.91 1.58 3.67
N ILE A 75 2.32 1.81 2.49
CA ILE A 75 3.09 1.88 1.26
C ILE A 75 3.94 3.14 1.22
N TYR A 76 3.39 4.27 1.66
CA TYR A 76 4.16 5.51 1.64
C TYR A 76 5.45 5.42 2.49
N PRO A 77 5.35 4.91 3.74
CA PRO A 77 6.60 4.70 4.50
C PRO A 77 7.58 3.76 3.81
N PHE A 78 7.07 2.71 3.15
CA PHE A 78 7.91 1.80 2.37
C PHE A 78 8.67 2.52 1.26
N LEU A 79 8.01 3.47 0.58
CA LEU A 79 8.66 4.24 -0.47
C LEU A 79 9.90 4.96 0.05
N PHE A 80 9.79 5.51 1.26
CA PHE A 80 10.91 6.16 1.93
C PHE A 80 11.96 5.15 2.39
N LEU A 81 11.54 4.19 3.21
CA LEU A 81 12.45 3.24 3.84
C LEU A 81 13.19 2.39 2.82
N GLY A 82 12.45 1.86 1.84
CA GLY A 82 13.05 1.01 0.82
C GLY A 82 14.06 1.74 -0.05
N PHE A 83 13.79 3.01 -0.34
CA PHE A 83 14.70 3.82 -1.14
C PHE A 83 16.03 4.01 -0.40
N VAL A 84 15.95 4.45 0.85
CA VAL A 84 17.13 4.67 1.68
C VAL A 84 17.89 3.37 1.86
N TYR A 85 17.17 2.31 2.21
CA TYR A 85 17.73 0.98 2.46
C TYR A 85 18.51 0.47 1.25
N SER A 86 18.00 0.75 0.05
CA SER A 86 18.67 0.37 -1.20
C SER A 86 20.11 0.90 -1.31
N PHE A 87 20.40 2.02 -0.64
CA PHE A 87 21.73 2.63 -0.72
C PHE A 87 22.65 2.28 0.45
N LEU A 88 22.19 1.42 1.35
CA LEU A 88 22.97 1.03 2.52
C LEU A 88 23.81 -0.23 2.30
N GLY A 89 23.89 -0.67 1.05
CA GLY A 89 24.64 -1.87 0.68
C GLY A 89 24.17 -3.16 1.35
N PRO A 90 22.84 -3.43 1.31
CA PRO A 90 22.40 -4.70 1.87
C PRO A 90 22.76 -5.85 0.92
N ASN A 91 22.78 -7.08 1.42
CA ASN A 91 22.90 -8.25 0.56
C ASN A 91 21.76 -8.18 -0.45
N PRO A 92 22.07 -8.30 -1.76
CA PRO A 92 21.06 -8.15 -2.81
C PRO A 92 19.88 -9.10 -2.67
N PHE A 93 20.15 -10.36 -2.33
CA PHE A 93 19.09 -11.36 -2.17
C PHE A 93 18.24 -11.06 -0.94
N VAL A 94 18.89 -10.67 0.16
CA VAL A 94 18.18 -10.27 1.38
C VAL A 94 17.26 -9.07 1.09
N ALA A 95 17.81 -8.07 0.39
CA ALA A 95 17.01 -6.91 -0.03
C ALA A 95 15.82 -7.33 -0.88
N TRP A 96 16.08 -8.16 -1.90
N TRP A 96 16.06 -8.15 -1.90
CA TRP A 96 15.02 -8.73 -2.75
CA TRP A 96 15.00 -8.73 -2.73
C TRP A 96 13.89 -9.35 -1.91
C TRP A 96 13.88 -9.33 -1.89
N MET A 97 14.25 -10.11 -0.89
CA MET A 97 13.27 -10.78 -0.04
CA MET A 97 13.29 -10.78 -0.01
CA MET A 97 13.29 -10.78 -0.01
C MET A 97 12.45 -9.77 0.78
N HIS A 98 13.10 -8.69 1.24
CA HIS A 98 12.38 -7.63 1.97
C HIS A 98 11.32 -7.02 1.05
N PHE A 99 11.72 -6.67 -0.18
CA PHE A 99 10.80 -6.02 -1.13
C PHE A 99 9.69 -6.95 -1.59
N LEU A 100 10.02 -8.22 -1.83
CA LEU A 100 9.04 -9.21 -2.31
C LEU A 100 8.00 -9.54 -1.24
N VAL A 101 8.43 -9.68 0.01
CA VAL A 101 7.52 -9.92 1.13
C VAL A 101 6.55 -8.74 1.25
N PHE A 102 7.06 -7.51 1.13
CA PHE A 102 6.19 -6.34 1.19
C PHE A 102 5.20 -6.32 0.03
N LEU A 103 5.69 -6.55 -1.18
CA LEU A 103 4.83 -6.54 -2.36
C LEU A 103 3.72 -7.58 -2.28
N VAL A 104 4.08 -8.82 -1.95
CA VAL A 104 3.12 -9.91 -1.87
C VAL A 104 2.12 -9.65 -0.72
N GLY A 105 2.63 -9.26 0.43
CA GLY A 105 1.79 -8.94 1.58
C GLY A 105 0.77 -7.85 1.28
N ARG A 106 1.21 -6.79 0.62
CA ARG A 106 0.32 -5.66 0.32
C ARG A 106 -0.71 -5.99 -0.77
N VAL A 107 -0.30 -6.71 -1.81
CA VAL A 107 -1.28 -7.13 -2.83
C VAL A 107 -2.33 -8.03 -2.18
N ALA A 108 -1.87 -8.98 -1.35
CA ALA A 108 -2.76 -9.87 -0.62
C ALA A 108 -3.72 -9.10 0.31
N HIS A 109 -3.19 -8.05 0.94
CA HIS A 109 -4.00 -7.19 1.82
C HIS A 109 -5.18 -6.59 1.07
N THR A 110 -4.93 -6.00 -0.10
CA THR A 110 -5.98 -5.38 -0.90
C THR A 110 -7.00 -6.43 -1.35
N VAL A 111 -6.52 -7.60 -1.78
CA VAL A 111 -7.41 -8.69 -2.17
C VAL A 111 -8.28 -9.11 -0.98
N ALA A 112 -7.66 -9.27 0.19
CA ALA A 112 -8.38 -9.68 1.40
C ALA A 112 -9.38 -8.62 1.86
N TYR A 113 -9.04 -7.35 1.69
CA TYR A 113 -9.91 -6.25 2.11
C TYR A 113 -11.10 -6.11 1.18
N LEU A 114 -10.81 -5.90 -0.10
CA LEU A 114 -11.87 -5.67 -1.08
C LEU A 114 -12.69 -6.93 -1.33
N GLY A 115 -12.06 -8.10 -1.20
CA GLY A 115 -12.75 -9.38 -1.35
C GLY A 115 -13.51 -9.85 -0.14
N LYS A 116 -13.43 -9.09 0.95
CA LYS A 116 -14.15 -9.37 2.20
C LYS A 116 -13.83 -10.77 2.74
N LEU A 117 -12.55 -11.13 2.71
CA LEU A 117 -12.13 -12.43 3.22
C LEU A 117 -12.22 -12.49 4.74
N ARG A 118 -12.45 -13.68 5.27
CA ARG A 118 -12.66 -13.83 6.71
C ARG A 118 -11.45 -13.36 7.52
N ALA A 119 -11.72 -12.82 8.70
CA ALA A 119 -10.66 -12.43 9.62
C ALA A 119 -10.01 -13.70 10.20
N PRO A 120 -8.70 -13.62 10.52
CA PRO A 120 -7.82 -12.47 10.39
C PRO A 120 -6.93 -12.47 9.15
N ILE A 121 -7.43 -12.95 8.01
CA ILE A 121 -6.61 -13.02 6.78
C ILE A 121 -5.99 -11.67 6.44
N ARG A 122 -6.82 -10.63 6.37
CA ARG A 122 -6.31 -9.29 6.06
C ARG A 122 -5.28 -8.83 7.09
N SER A 123 -5.59 -9.03 8.37
CA SER A 123 -4.72 -8.61 9.45
CA SER A 123 -4.72 -8.62 9.46
C SER A 123 -3.36 -9.30 9.40
N VAL A 124 -3.37 -10.59 9.04
CA VAL A 124 -2.14 -11.36 8.89
C VAL A 124 -1.28 -10.79 7.77
N THR A 125 -1.90 -10.45 6.63
CA THR A 125 -1.15 -9.86 5.51
C THR A 125 -0.57 -8.51 5.88
N TYR A 126 -1.30 -7.73 6.69
CA TYR A 126 -0.79 -6.45 7.19
C TYR A 126 0.47 -6.67 8.03
N THR A 127 0.40 -7.60 8.98
CA THR A 127 1.54 -7.90 9.85
C THR A 127 2.74 -8.40 9.04
N LEU A 128 2.47 -9.30 8.09
CA LEU A 128 3.50 -9.86 7.22
C LEU A 128 4.27 -8.76 6.49
N ALA A 129 3.53 -7.84 5.87
CA ALA A 129 4.15 -6.75 5.11
C ALA A 129 4.88 -5.74 6.01
N GLN A 130 4.40 -5.55 7.24
CA GLN A 130 5.08 -4.64 8.16
C GLN A 130 6.45 -5.15 8.61
N LEU A 131 6.64 -6.48 8.60
CA LEU A 131 7.89 -7.07 9.07
C LEU A 131 9.13 -6.55 8.31
N PRO A 132 9.15 -6.62 6.96
CA PRO A 132 10.31 -6.04 6.28
C PRO A 132 10.46 -4.54 6.47
N CYS A 133 9.36 -3.81 6.68
CA CYS A 133 9.45 -2.37 6.94
C CYS A 133 10.12 -2.09 8.28
N ALA A 134 9.71 -2.81 9.32
CA ALA A 134 10.35 -2.73 10.63
C ALA A 134 11.84 -3.03 10.52
N SER A 135 12.16 -4.09 9.78
CA SER A 135 13.56 -4.49 9.57
C SER A 135 14.37 -3.38 8.91
N MET A 136 13.84 -2.81 7.82
CA MET A 136 14.54 -1.72 7.14
C MET A 136 14.68 -0.48 8.03
N ALA A 137 13.62 -0.14 8.76
CA ALA A 137 13.65 1.02 9.66
C ALA A 137 14.77 0.91 10.69
N LEU A 138 14.89 -0.25 11.34
CA LEU A 138 15.95 -0.48 12.32
C LEU A 138 17.34 -0.36 11.67
N GLN A 139 17.52 -0.95 10.49
CA GLN A 139 18.81 -0.88 9.81
C GLN A 139 19.19 0.55 9.44
N ILE A 140 18.22 1.33 8.99
CA ILE A 140 18.44 2.74 8.71
C ILE A 140 18.82 3.51 9.98
N LEU A 141 18.12 3.24 11.09
CA LEU A 141 18.41 3.86 12.37
CA LEU A 141 18.42 3.89 12.35
C LEU A 141 19.88 3.68 12.74
N TRP A 142 20.36 2.43 12.61
CA TRP A 142 21.74 2.12 12.97
C TRP A 142 22.73 2.85 12.07
N GLU A 143 22.45 2.86 10.76
CA GLU A 143 23.32 3.54 9.80
C GLU A 143 23.35 5.04 10.05
N ALA A 144 22.18 5.64 10.26
CA ALA A 144 22.10 7.06 10.54
C ALA A 144 22.81 7.43 11.84
N ALA A 145 22.50 6.72 12.91
CA ALA A 145 23.08 6.98 14.22
C ALA A 145 24.61 6.90 14.19
N ARG A 146 25.15 5.93 13.46
CA ARG A 146 26.59 5.69 13.47
C ARG A 146 27.37 6.69 12.61
N HIS A 147 26.66 7.44 11.76
CA HIS A 147 27.25 8.50 10.95
C HIS A 147 27.06 9.92 11.52
N LEU A 148 26.50 10.00 12.73
CA LEU A 148 26.30 11.30 13.39
C LEU A 148 27.62 11.93 13.82
C7 4U9 B . -0.24 -12.24 12.41
C6 4U9 B . -1.50 -11.82 12.90
C1 4U9 B . -6.69 -8.77 14.57
N1 4U9 B . -5.49 -8.99 14.08
C5 4U9 B . -2.96 -10.06 13.18
C4 4U9 B . -3.93 -10.87 13.78
BR1 4U9 B . -6.67 -12.68 15.38
C3 4U9 B . -6.30 -10.92 14.84
C2 4U9 B . -5.21 -10.33 14.23
CL1 4U9 B . -9.25 -8.49 12.78
C23 4U9 B . -8.55 -7.26 13.81
C22 4U9 B . -9.18 -6.00 13.85
C21 4U9 B . -8.66 -4.97 14.65
C20 4U9 B . -7.53 -5.20 15.43
C19 4U9 B . -6.90 -6.44 15.38
F4 4U9 B . -5.80 -6.65 16.12
C18 4U9 B . -7.39 -7.49 14.59
N2 4U9 B . -7.22 -9.94 15.04
C17 4U9 B . -3.62 -12.23 13.92
C16 4U9 B . -2.39 -12.71 13.48
N3 4U9 B . -1.75 -10.51 12.73
C8 4U9 B . 0.80 -12.63 11.96
C9 4U9 B . 2.00 -13.12 11.35
C15 4U9 B . 2.39 -12.67 10.09
C14 4U9 B . 3.57 -13.16 9.51
C12 4U9 B . 4.35 -14.11 10.20
C13 4U9 B . 5.61 -14.66 9.57
C13 4U9 B . 5.63 -14.65 9.60
F3 4U9 B . 5.35 -15.49 8.52
F3 4U9 B . 5.83 -14.27 8.30
F2 4U9 B . 6.36 -15.39 10.44
F2 4U9 B . 5.69 -16.01 9.61
F1 4U9 B . 6.44 -13.70 9.08
F1 4U9 B . 6.73 -14.21 10.29
C11 4U9 B . 3.94 -14.56 11.47
C10 4U9 B . 2.76 -14.07 12.04
N1 GSH C . -5.64 2.60 10.89
CA1 GSH C . -5.56 1.15 11.20
C1 GSH C . -6.90 0.59 11.63
O11 GSH C . -7.06 -0.64 11.62
O12 GSH C . -7.82 1.37 11.95
CB1 GSH C . -4.43 0.91 12.21
CG1 GSH C . -4.00 -0.54 12.42
CD1 GSH C . -3.96 -1.36 11.14
OE1 GSH C . -3.45 -0.91 10.13
N2 GSH C . -4.52 -2.57 11.20
CA2 GSH C . -4.51 -3.50 10.07
C2 GSH C . -5.61 -3.28 9.08
O2 GSH C . -5.68 -4.02 8.10
CB2 GSH C . -4.56 -4.93 10.58
SG2 GSH C . -6.09 -5.27 11.49
N3 GSH C . -6.47 -2.28 9.31
CA3 GSH C . -7.66 -2.06 8.52
C3 GSH C . -7.84 -0.60 8.17
O31 GSH C . -6.88 0.18 8.34
O32 GSH C . -8.95 -0.22 7.74
C1 BOG D . 16.44 -6.96 11.94
O1 BOG D . 15.07 -6.64 11.72
C2 BOG D . 17.25 -6.59 10.69
O2 BOG D . 16.84 -7.39 9.59
C3 BOG D . 18.75 -6.83 10.93
O3 BOG D . 19.50 -6.34 9.82
C4 BOG D . 19.21 -6.14 12.22
O4 BOG D . 20.57 -6.54 12.49
C5 BOG D . 18.29 -6.52 13.39
O5 BOG D . 16.94 -6.22 13.06
C6 BOG D . 18.66 -5.78 14.67
O6 BOG D . 18.32 -4.40 14.57
C1' BOG D . 14.20 -7.43 12.54
C2' BOG D . 12.84 -6.76 12.64
C3' BOG D . 11.84 -7.64 13.38
C4' BOG D . 10.45 -7.02 13.37
C5' BOG D . 10.09 -6.45 14.75
C6' BOG D . 9.01 -7.30 15.41
C7' BOG D . 7.70 -6.51 15.52
C8' BOG D . 6.52 -7.38 15.12
C1 BOG E . -14.69 -10.27 -5.01
O1 BOG E . -13.27 -10.14 -5.18
C2 BOG E . -15.03 -11.76 -4.87
O2 BOG E . -14.74 -12.42 -6.10
C3 BOG E . -16.51 -11.96 -4.52
O3 BOG E . -16.72 -13.33 -4.18
C4 BOG E . -16.94 -11.07 -3.35
O4 BOG E . -18.37 -11.12 -3.24
C5 BOG E . -16.49 -9.63 -3.53
O5 BOG E . -15.08 -9.56 -3.83
C6 BOG E . -16.71 -8.82 -2.26
O6 BOG E . -16.39 -7.45 -2.50
C1' BOG E . -12.86 -8.79 -5.31
C2' BOG E . -11.36 -8.71 -5.10
C3' BOG E . -10.84 -7.40 -5.67
C4' BOG E . -9.32 -7.35 -5.67
C5' BOG E . -8.84 -6.05 -6.30
C6' BOG E . -7.33 -5.91 -6.20
C7' BOG E . -6.90 -4.53 -6.68
C8' BOG E . -5.40 -4.47 -6.84
O1 PG4 F . 16.78 -10.28 9.37
C1 PG4 F . 15.50 -10.35 8.72
C2 PG4 F . 14.40 -10.53 9.76
O2 PG4 F . 13.46 -9.46 9.64
C3 PG4 F . 12.12 -9.95 9.56
C4 PG4 F . 11.46 -9.43 8.28
O3 PG4 F . 12.08 -10.06 7.16
C5 PG4 F . 11.49 -9.64 5.92
C6 PG4 F . 11.75 -10.68 4.84
O4 PG4 F . 13.14 -11.02 4.81
C7 PG4 F . 13.37 -12.38 5.17
C8 PG4 F . 14.83 -12.73 4.89
O5 PG4 F . 15.68 -12.21 5.93
#